data_5VRH
#
_entry.id   5VRH
#
_cell.length_a   52.671
_cell.length_b   72.586
_cell.length_c   75.610
_cell.angle_alpha   90.000
_cell.angle_beta   101.730
_cell.angle_gamma   90.000
#
_symmetry.space_group_name_H-M   'P 1 21 1'
#
loop_
_entity.id
_entity.type
_entity.pdbx_description
1 polymer 'Apolipoprotein N-acyltransferase'
2 non-polymer '(2S)-2,3-dihydroxypropyl (9Z)-octadec-9-enoate'
3 non-polymer 'MAGNESIUM ION'
4 non-polymer 'PALMITIC ACID'
5 non-polymer 'CHLORIDE ION'
6 non-polymer '(2R)-2,3-dihydroxypropyl (9Z)-octadec-9-enoate'
7 water water
#
_entity_poly.entity_id   1
_entity_poly.type   'polypeptide(L)'
_entity_poly.pdbx_seq_one_letter_code
;MGSAFASLIERQRIRLLLALLFGACGTLAFSPYDVWPAAIISLMGLQALTFNRRPLQSAAIGFCWGFGLFGSGINWVYVS
IATFGGMPGPVNIFLVVLLAAYLSLYTGLFAGVLSRLWPKTTWLRVAIAAPALWQVTEFLRGWVLTGFPWLQFGYSQIDG
PLKGLAPIMGVEAINFLLMMVSGLLALALVKRNWRPLVVAVVLFALPFPLRYIQWFTPQPEKTIQVSMVQGDIPQSLKWD
EGQLLNTLKIYYNATAPLMGKSSLIIWPESAITDLEINQQPFLKALDGELRDKGSSLVTGIVDARLNKQNRYDTYNTIIT
LGKGAPYSYESADRYNKNHLVPFGEFVPLESILRPLAPFFDLPMSSFSRGPYIQPPLSANGIELTAAISYEIILGEQVRD
NFRPDTDYLLTISNDAWFGKSIGPWQHFQMARMRALELARPLLRSTNNGITAVIGPQGEIQAMIPQFTREVLTTNVTPTT
GLTPYARTGNWPLWVLTALFGFAAVLMSLRQRRKGNSHHHHH
;
_entity_poly.pdbx_strand_id   A
#
loop_
_chem_comp.id
_chem_comp.type
_chem_comp.name
_chem_comp.formula
CL non-polymer 'CHLORIDE ION' 'Cl -1'
MG non-polymer 'MAGNESIUM ION' 'Mg 2'
OLB non-polymer '(2S)-2,3-dihydroxypropyl (9Z)-octadec-9-enoate' 'C21 H40 O4'
OLC non-polymer '(2R)-2,3-dihydroxypropyl (9Z)-octadec-9-enoate' 'C21 H40 O4'
PLM non-polymer 'PALMITIC ACID' 'C16 H32 O2'
#
# COMPACT_ATOMS: atom_id res chain seq x y z
N ALA A 6 -32.74 -21.75 -12.37
CA ALA A 6 -33.77 -21.67 -13.39
C ALA A 6 -34.16 -20.22 -13.68
N SER A 7 -33.23 -19.47 -14.28
CA SER A 7 -33.45 -18.15 -14.87
C SER A 7 -33.81 -17.07 -13.85
N LEU A 8 -33.61 -17.31 -12.55
CA LEU A 8 -33.80 -16.25 -11.57
C LEU A 8 -32.84 -15.09 -11.74
N ILE A 9 -31.83 -15.25 -12.60
CA ILE A 9 -30.72 -14.31 -12.64
C ILE A 9 -31.16 -12.95 -13.22
N GLU A 10 -32.20 -12.94 -14.06
CA GLU A 10 -32.63 -11.71 -14.72
C GLU A 10 -33.64 -10.90 -13.91
N ARG A 11 -33.77 -11.18 -12.61
CA ARG A 11 -34.44 -10.26 -11.70
C ARG A 11 -33.41 -9.32 -11.08
N GLN A 12 -33.70 -8.02 -11.12
CA GLN A 12 -32.72 -7.01 -10.70
C GLN A 12 -32.33 -7.19 -9.24
N ARG A 13 -33.29 -7.54 -8.38
CA ARG A 13 -32.97 -7.71 -6.97
C ARG A 13 -32.08 -8.94 -6.74
N ILE A 14 -32.21 -9.97 -7.58
CA ILE A 14 -31.31 -11.12 -7.48
C ILE A 14 -29.90 -10.73 -7.93
N ARG A 15 -29.81 -9.90 -8.97
CA ARG A 15 -28.51 -9.43 -9.42
C ARG A 15 -27.82 -8.60 -8.35
N LEU A 16 -28.59 -7.79 -7.61
CA LEU A 16 -28.03 -6.99 -6.54
C LEU A 16 -27.44 -7.87 -5.45
N LEU A 17 -28.14 -8.96 -5.10
CA LEU A 17 -27.66 -9.84 -4.04
C LEU A 17 -26.43 -10.62 -4.47
N LEU A 18 -26.43 -11.15 -5.70
CA LEU A 18 -25.27 -11.87 -6.19
C LEU A 18 -24.05 -10.97 -6.30
N ALA A 19 -24.26 -9.70 -6.66
CA ALA A 19 -23.16 -8.75 -6.73
C ALA A 19 -22.50 -8.58 -5.36
N LEU A 20 -23.31 -8.47 -4.31
CA LEU A 20 -22.78 -8.39 -2.95
C LEU A 20 -21.90 -9.60 -2.65
N LEU A 21 -22.36 -10.80 -3.02
CA LEU A 21 -21.58 -12.00 -2.76
C LEU A 21 -20.30 -12.02 -3.59
N PHE A 22 -20.39 -11.70 -4.89
CA PHE A 22 -19.22 -11.71 -5.73
C PHE A 22 -18.23 -10.63 -5.33
N GLY A 23 -18.73 -9.48 -4.88
CA GLY A 23 -17.83 -8.45 -4.36
C GLY A 23 -17.13 -8.90 -3.09
N ALA A 24 -17.89 -9.49 -2.15
CA ALA A 24 -17.29 -9.99 -0.92
C ALA A 24 -16.27 -11.08 -1.21
N CYS A 25 -16.47 -11.85 -2.28
CA CYS A 25 -15.50 -12.89 -2.64
C CYS A 25 -14.14 -12.30 -2.96
N GLY A 26 -14.09 -11.06 -3.45
CA GLY A 26 -12.81 -10.46 -3.79
C GLY A 26 -11.91 -10.23 -2.59
N THR A 27 -12.51 -10.14 -1.39
CA THR A 27 -11.70 -9.95 -0.18
C THR A 27 -10.77 -11.13 0.05
N LEU A 28 -11.21 -12.34 -0.31
CA LEU A 28 -10.37 -13.53 -0.17
C LEU A 28 -9.11 -13.49 -1.02
N ALA A 29 -9.04 -12.60 -2.01
CA ALA A 29 -7.83 -12.51 -2.83
C ALA A 29 -6.67 -11.91 -2.04
N PHE A 30 -6.95 -11.06 -1.08
CA PHE A 30 -5.91 -10.33 -0.38
C PHE A 30 -5.48 -11.07 0.88
N SER A 31 -4.31 -10.68 1.40
CA SER A 31 -3.83 -11.21 2.66
C SER A 31 -4.82 -10.91 3.77
N PRO A 32 -4.96 -11.80 4.77
CA PRO A 32 -4.18 -13.03 4.96
C PRO A 32 -4.75 -14.28 4.26
N TYR A 33 -5.81 -14.12 3.47
CA TYR A 33 -6.44 -15.28 2.83
C TYR A 33 -5.62 -15.76 1.63
N ASP A 34 -5.22 -14.84 0.75
CA ASP A 34 -4.25 -15.11 -0.32
C ASP A 34 -4.74 -16.16 -1.31
N VAL A 35 -6.03 -16.10 -1.66
CA VAL A 35 -6.60 -16.96 -2.70
C VAL A 35 -6.75 -16.08 -3.94
N TRP A 36 -5.69 -16.04 -4.76
CA TRP A 36 -5.69 -15.14 -5.91
C TRP A 36 -6.71 -15.48 -7.00
N PRO A 37 -7.15 -16.73 -7.17
CA PRO A 37 -8.27 -16.96 -8.09
C PRO A 37 -9.56 -16.27 -7.69
N ALA A 38 -9.74 -15.96 -6.40
CA ALA A 38 -10.93 -15.25 -5.97
C ALA A 38 -11.03 -13.86 -6.59
N ALA A 39 -9.91 -13.28 -7.00
CA ALA A 39 -9.95 -11.98 -7.68
C ALA A 39 -10.60 -12.12 -9.06
N ILE A 40 -10.28 -13.20 -9.78
CA ILE A 40 -10.86 -13.40 -11.10
C ILE A 40 -12.34 -13.72 -10.98
N ILE A 41 -12.72 -14.55 -9.99
CA ILE A 41 -14.13 -14.86 -9.78
C ILE A 41 -14.91 -13.60 -9.41
N SER A 42 -14.34 -12.76 -8.55
CA SER A 42 -15.01 -11.53 -8.16
C SER A 42 -15.17 -10.59 -9.35
N LEU A 43 -14.13 -10.46 -10.17
CA LEU A 43 -14.22 -9.61 -11.35
C LEU A 43 -15.16 -10.20 -12.40
N MET A 44 -15.18 -11.53 -12.54
CA MET A 44 -16.11 -12.17 -13.45
C MET A 44 -17.55 -11.83 -13.10
N GLY A 45 -17.88 -11.84 -11.80
CA GLY A 45 -19.22 -11.48 -11.38
C GLY A 45 -19.56 -10.03 -11.70
N LEU A 46 -18.60 -9.13 -11.48
CA LEU A 46 -18.84 -7.73 -11.81
C LEU A 46 -19.09 -7.54 -13.30
N GLN A 47 -18.29 -8.20 -14.14
CA GLN A 47 -18.48 -8.08 -15.59
C GLN A 47 -19.78 -8.73 -16.03
N ALA A 48 -20.09 -9.93 -15.52
CA ALA A 48 -21.23 -10.68 -16.00
C ALA A 48 -22.55 -10.12 -15.47
N LEU A 49 -22.60 -9.74 -14.18
CA LEU A 49 -23.84 -9.26 -13.58
C LEU A 49 -24.33 -7.97 -14.22
N THR A 50 -23.47 -7.25 -14.94
CA THR A 50 -23.84 -6.01 -15.60
C THR A 50 -24.21 -6.20 -17.07
N PHE A 51 -24.14 -7.42 -17.58
CA PHE A 51 -24.53 -7.68 -18.96
C PHE A 51 -26.02 -7.42 -19.16
N ASN A 52 -26.35 -6.79 -20.28
CA ASN A 52 -27.74 -6.59 -20.70
C ASN A 52 -28.57 -5.92 -19.61
N ARG A 53 -28.06 -4.79 -19.11
CA ARG A 53 -28.74 -3.99 -18.12
C ARG A 53 -28.78 -2.54 -18.57
N ARG A 54 -29.79 -1.81 -18.10
CA ARG A 54 -29.83 -0.38 -18.33
C ARG A 54 -28.73 0.31 -17.53
N PRO A 55 -28.30 1.50 -17.94
CA PRO A 55 -27.14 2.13 -17.28
C PRO A 55 -27.30 2.30 -15.78
N LEU A 56 -28.48 2.72 -15.31
CA LEU A 56 -28.65 2.92 -13.87
C LEU A 56 -28.84 1.59 -13.14
N GLN A 57 -29.49 0.62 -13.79
CA GLN A 57 -29.49 -0.74 -13.25
C GLN A 57 -28.06 -1.25 -13.06
N SER A 58 -27.20 -0.99 -14.05
CA SER A 58 -25.82 -1.44 -13.97
C SER A 58 -25.06 -0.73 -12.85
N ALA A 59 -25.28 0.58 -12.71
CA ALA A 59 -24.60 1.33 -11.66
C ALA A 59 -24.99 0.81 -10.28
N ALA A 60 -26.25 0.44 -10.10
CA ALA A 60 -26.68 -0.14 -8.83
C ALA A 60 -25.98 -1.48 -8.58
N ILE A 61 -25.84 -2.29 -9.63
CA ILE A 61 -25.13 -3.56 -9.48
C ILE A 61 -23.66 -3.34 -9.19
N GLY A 62 -23.05 -2.37 -9.89
CA GLY A 62 -21.66 -2.02 -9.59
C GLY A 62 -21.48 -1.50 -8.17
N PHE A 63 -22.44 -0.70 -7.70
CA PHE A 63 -22.39 -0.21 -6.32
C PHE A 63 -22.50 -1.36 -5.33
N CYS A 64 -23.40 -2.31 -5.60
CA CYS A 64 -23.57 -3.43 -4.68
C CYS A 64 -22.37 -4.37 -4.70
N TRP A 65 -21.74 -4.54 -5.86
CA TRP A 65 -20.49 -5.29 -5.93
C TRP A 65 -19.42 -4.61 -5.06
N GLY A 66 -19.29 -3.30 -5.18
CA GLY A 66 -18.34 -2.58 -4.36
C GLY A 66 -18.67 -2.65 -2.88
N PHE A 67 -19.96 -2.63 -2.54
CA PHE A 67 -20.33 -2.67 -1.13
C PHE A 67 -19.99 -4.01 -0.50
N GLY A 68 -20.08 -5.10 -1.25
CA GLY A 68 -19.62 -6.38 -0.74
C GLY A 68 -18.11 -6.45 -0.61
N LEU A 69 -17.40 -5.91 -1.60
CA LEU A 69 -15.94 -5.90 -1.55
C LEU A 69 -15.43 -5.02 -0.41
N PHE A 70 -15.87 -3.76 -0.38
CA PHE A 70 -15.39 -2.84 0.64
C PHE A 70 -16.03 -3.12 1.99
N GLY A 71 -17.31 -3.51 2.00
CA GLY A 71 -17.97 -3.81 3.26
C GLY A 71 -17.29 -4.94 4.02
N SER A 72 -16.78 -5.93 3.29
CA SER A 72 -16.06 -7.04 3.91
C SER A 72 -14.57 -6.79 4.00
N GLY A 73 -14.01 -6.03 3.08
CA GLY A 73 -12.56 -5.88 2.97
C GLY A 73 -11.95 -4.83 3.87
N ILE A 74 -12.64 -3.72 4.09
CA ILE A 74 -12.08 -2.63 4.88
C ILE A 74 -12.94 -2.33 6.12
N ASN A 75 -13.76 -3.28 6.56
CA ASN A 75 -14.52 -3.03 7.79
C ASN A 75 -13.63 -3.00 9.02
N TRP A 76 -12.34 -3.30 8.88
CA TRP A 76 -11.40 -3.18 9.99
C TRP A 76 -11.19 -1.72 10.40
N VAL A 77 -11.57 -0.76 9.55
CA VAL A 77 -11.48 0.64 9.92
C VAL A 77 -12.40 0.97 11.10
N TYR A 78 -13.32 0.07 11.43
CA TYR A 78 -14.07 0.20 12.68
C TYR A 78 -13.11 0.33 13.86
N VAL A 79 -12.09 -0.54 13.90
CA VAL A 79 -11.11 -0.48 14.98
C VAL A 79 -10.36 0.84 14.95
N SER A 80 -10.06 1.35 13.76
CA SER A 80 -9.40 2.64 13.63
C SER A 80 -10.28 3.75 14.20
N ILE A 81 -11.56 3.76 13.81
CA ILE A 81 -12.48 4.80 14.29
C ILE A 81 -12.69 4.67 15.79
N ALA A 82 -12.88 3.44 16.27
CA ALA A 82 -13.08 3.22 17.69
C ALA A 82 -11.85 3.66 18.50
N THR A 83 -10.66 3.32 18.01
CA THR A 83 -9.44 3.73 18.70
C THR A 83 -9.24 5.23 18.62
N PHE A 84 -9.60 5.84 17.48
CA PHE A 84 -9.42 7.28 17.31
C PHE A 84 -10.45 8.06 18.12
N GLY A 85 -11.73 7.79 17.87
CA GLY A 85 -12.80 8.57 18.48
C GLY A 85 -13.23 8.13 19.86
N GLY A 86 -13.11 6.82 20.14
CA GLY A 86 -13.54 6.30 21.43
C GLY A 86 -15.02 6.48 21.67
N MET A 87 -15.83 6.16 20.68
CA MET A 87 -17.28 6.28 20.72
C MET A 87 -17.94 4.91 20.72
N PRO A 88 -19.22 4.83 21.06
CA PRO A 88 -19.88 3.51 21.09
C PRO A 88 -19.88 2.83 19.74
N GLY A 89 -20.06 1.51 19.77
CA GLY A 89 -19.99 0.67 18.60
C GLY A 89 -20.87 1.09 17.43
N PRO A 90 -22.17 1.21 17.65
CA PRO A 90 -23.07 1.57 16.53
C PRO A 90 -22.70 2.87 15.84
N VAL A 91 -22.03 3.79 16.54
CA VAL A 91 -21.57 5.02 15.89
C VAL A 91 -20.43 4.72 14.94
N ASN A 92 -19.51 3.83 15.34
CA ASN A 92 -18.40 3.48 14.47
C ASN A 92 -18.86 2.61 13.30
N ILE A 93 -19.91 1.81 13.50
CA ILE A 93 -20.48 1.04 12.39
C ILE A 93 -21.12 1.98 11.38
N PHE A 94 -21.81 3.01 11.86
CA PHE A 94 -22.40 4.01 10.98
C PHE A 94 -21.36 4.64 10.07
N LEU A 95 -20.19 4.97 10.62
CA LEU A 95 -19.13 5.59 9.83
C LEU A 95 -18.49 4.60 8.87
N VAL A 96 -18.41 3.33 9.25
CA VAL A 96 -17.83 2.32 8.38
C VAL A 96 -18.73 2.09 7.16
N VAL A 97 -20.04 1.97 7.39
CA VAL A 97 -20.97 1.80 6.29
C VAL A 97 -20.90 2.98 5.34
N LEU A 98 -20.73 4.19 5.89
CA LEU A 98 -20.58 5.38 5.06
C LEU A 98 -19.32 5.30 4.21
N LEU A 99 -18.22 4.82 4.80
CA LEU A 99 -16.98 4.66 4.04
C LEU A 99 -17.16 3.66 2.89
N ALA A 100 -17.70 2.48 3.18
CA ALA A 100 -17.88 1.48 2.13
C ALA A 100 -18.84 1.98 1.06
N ALA A 101 -19.85 2.75 1.45
CA ALA A 101 -20.78 3.31 0.46
C ALA A 101 -20.09 4.33 -0.43
N TYR A 102 -19.22 5.16 0.15
CA TYR A 102 -18.53 6.17 -0.65
C TYR A 102 -17.61 5.51 -1.68
N LEU A 103 -16.87 4.48 -1.27
CA LEU A 103 -15.97 3.81 -2.21
C LEU A 103 -16.74 3.08 -3.30
N SER A 104 -17.95 2.60 -2.98
CA SER A 104 -18.76 1.89 -3.96
C SER A 104 -19.33 2.81 -5.03
N LEU A 105 -19.29 4.12 -4.82
CA LEU A 105 -19.69 5.05 -5.87
C LEU A 105 -18.81 4.91 -7.10
N TYR A 106 -17.53 4.57 -6.90
CA TYR A 106 -16.61 4.46 -8.03
C TYR A 106 -16.77 3.13 -8.76
N THR A 107 -17.12 2.06 -8.07
CA THR A 107 -17.46 0.82 -8.76
C THR A 107 -18.82 0.92 -9.45
N GLY A 108 -19.73 1.72 -8.90
CA GLY A 108 -20.98 1.98 -9.60
C GLY A 108 -20.79 2.94 -10.77
N LEU A 109 -19.89 3.91 -10.60
CA LEU A 109 -19.52 4.78 -11.71
C LEU A 109 -19.00 3.97 -12.89
N PHE A 110 -18.17 2.97 -12.63
CA PHE A 110 -17.58 2.17 -13.69
C PHE A 110 -18.63 1.35 -14.41
N ALA A 111 -19.55 0.74 -13.65
CA ALA A 111 -20.57 -0.10 -14.27
C ALA A 111 -21.57 0.73 -15.05
N GLY A 112 -21.92 1.92 -14.52
CA GLY A 112 -22.89 2.75 -15.21
C GLY A 112 -22.38 3.29 -16.54
N VAL A 113 -21.12 3.73 -16.57
CA VAL A 113 -20.55 4.29 -17.79
C VAL A 113 -20.29 3.18 -18.81
N LEU A 114 -19.81 2.03 -18.35
CA LEU A 114 -19.57 0.92 -19.28
C LEU A 114 -20.87 0.44 -19.91
N SER A 115 -21.97 0.44 -19.14
CA SER A 115 -23.26 0.08 -19.69
C SER A 115 -23.80 1.16 -20.62
N ARG A 116 -23.51 2.43 -20.33
CA ARG A 116 -24.07 3.51 -21.13
C ARG A 116 -23.43 3.56 -22.52
N LEU A 117 -22.12 3.35 -22.60
CA LEU A 117 -21.39 3.52 -23.85
C LEU A 117 -21.17 2.23 -24.63
N TRP A 118 -21.20 1.08 -23.98
CA TRP A 118 -21.02 -0.21 -24.65
C TRP A 118 -22.04 -1.19 -24.08
N PRO A 119 -23.31 -1.08 -24.51
CA PRO A 119 -24.35 -1.91 -23.90
C PRO A 119 -24.24 -3.39 -24.26
N LYS A 120 -23.71 -3.74 -25.42
CA LYS A 120 -23.79 -5.11 -25.91
C LYS A 120 -22.74 -6.00 -25.26
N THR A 121 -23.14 -7.23 -24.97
CA THR A 121 -22.22 -8.26 -24.45
C THR A 121 -21.27 -8.64 -25.57
N THR A 122 -20.03 -8.13 -25.50
CA THR A 122 -19.12 -8.20 -26.62
C THR A 122 -17.68 -8.17 -26.11
N TRP A 123 -16.77 -8.63 -26.98
CA TRP A 123 -15.35 -8.62 -26.62
C TRP A 123 -14.84 -7.19 -26.41
N LEU A 124 -15.39 -6.23 -27.15
CA LEU A 124 -14.94 -4.86 -27.05
C LEU A 124 -15.27 -4.26 -25.69
N ARG A 125 -16.53 -4.37 -25.28
CA ARG A 125 -16.94 -3.93 -23.94
C ARG A 125 -16.08 -4.60 -22.86
N VAL A 126 -15.79 -5.88 -23.04
CA VAL A 126 -15.30 -6.72 -21.96
C VAL A 126 -13.77 -6.69 -21.85
N ALA A 127 -13.06 -6.60 -22.98
CA ALA A 127 -11.61 -6.71 -22.98
C ALA A 127 -10.88 -5.42 -23.32
N ILE A 128 -11.55 -4.46 -23.97
CA ILE A 128 -10.95 -3.19 -24.37
C ILE A 128 -11.47 -2.04 -23.53
N ALA A 129 -12.79 -1.86 -23.50
CA ALA A 129 -13.37 -0.72 -22.78
C ALA A 129 -13.25 -0.90 -21.27
N ALA A 130 -13.55 -2.10 -20.78
CA ALA A 130 -13.59 -2.31 -19.32
C ALA A 130 -12.25 -2.05 -18.64
N PRO A 131 -11.12 -2.61 -19.08
CA PRO A 131 -9.86 -2.33 -18.34
C PRO A 131 -9.45 -0.87 -18.41
N ALA A 132 -9.66 -0.21 -19.55
CA ALA A 132 -9.30 1.20 -19.66
C ALA A 132 -10.15 2.06 -18.75
N LEU A 133 -11.45 1.83 -18.72
CA LEU A 133 -12.33 2.62 -17.87
C LEU A 133 -12.14 2.25 -16.40
N TRP A 134 -11.86 0.97 -16.11
CA TRP A 134 -11.55 0.57 -14.74
C TRP A 134 -10.28 1.25 -14.25
N GLN A 135 -9.34 1.54 -15.16
CA GLN A 135 -8.14 2.27 -14.77
C GLN A 135 -8.48 3.71 -14.39
N VAL A 136 -9.45 4.32 -15.08
CA VAL A 136 -9.80 5.72 -14.81
C VAL A 136 -10.57 5.82 -13.50
N THR A 137 -11.61 5.00 -13.33
CA THR A 137 -12.42 5.09 -12.13
C THR A 137 -11.64 4.69 -10.88
N GLU A 138 -10.68 3.77 -11.03
CA GLU A 138 -9.82 3.43 -9.90
C GLU A 138 -8.80 4.51 -9.59
N PHE A 139 -8.36 5.25 -10.62
CA PHE A 139 -7.54 6.43 -10.37
C PHE A 139 -8.32 7.46 -9.58
N LEU A 140 -9.57 7.70 -9.97
CA LEU A 140 -10.41 8.67 -9.27
C LEU A 140 -10.61 8.27 -7.82
N ARG A 141 -10.78 6.97 -7.56
CA ARG A 141 -10.94 6.51 -6.18
C ARG A 141 -9.70 6.81 -5.35
N GLY A 142 -8.52 6.72 -5.97
CA GLY A 142 -7.28 7.02 -5.29
C GLY A 142 -6.82 8.46 -5.37
N TRP A 143 -7.62 9.35 -5.95
CA TRP A 143 -7.24 10.75 -6.14
C TRP A 143 -8.21 11.72 -5.48
N VAL A 144 -9.52 11.49 -5.62
CA VAL A 144 -10.50 12.43 -5.10
C VAL A 144 -10.37 12.52 -3.58
N LEU A 145 -10.29 13.76 -3.07
CA LEU A 145 -10.17 14.02 -1.64
C LEU A 145 -8.95 13.32 -1.06
N THR A 146 -7.85 13.33 -1.82
CA THR A 146 -6.56 12.69 -1.51
C THR A 146 -6.64 11.17 -1.65
N GLY A 147 -7.85 10.64 -1.79
CA GLY A 147 -8.04 9.29 -2.28
C GLY A 147 -7.88 8.21 -1.22
N PHE A 148 -8.39 7.02 -1.55
CA PHE A 148 -8.25 5.84 -0.71
C PHE A 148 -8.25 4.62 -1.63
N PRO A 149 -7.10 4.29 -2.22
CA PRO A 149 -7.06 3.24 -3.23
C PRO A 149 -6.89 1.83 -2.66
N TRP A 150 -7.40 1.60 -1.45
CA TRP A 150 -7.28 0.30 -0.82
C TRP A 150 -8.01 -0.76 -1.65
N LEU A 151 -7.45 -1.97 -1.63
CA LEU A 151 -7.99 -3.14 -2.32
C LEU A 151 -7.96 -3.00 -3.84
N GLN A 152 -6.78 -3.13 -4.43
CA GLN A 152 -6.64 -3.32 -5.87
C GLN A 152 -6.20 -4.76 -6.10
N PHE A 153 -7.01 -5.53 -6.83
CA PHE A 153 -6.62 -6.88 -7.20
C PHE A 153 -5.28 -6.85 -7.92
N GLY A 154 -4.54 -7.94 -7.85
CA GLY A 154 -3.22 -7.96 -8.42
C GLY A 154 -2.13 -7.54 -7.47
N TYR A 155 -2.46 -6.79 -6.42
CA TYR A 155 -1.70 -6.89 -5.19
C TYR A 155 -1.77 -8.31 -4.66
N SER A 156 -2.87 -9.01 -5.00
CA SER A 156 -3.04 -10.43 -4.73
C SER A 156 -2.18 -11.32 -5.62
N GLN A 157 -1.50 -10.74 -6.61
CA GLN A 157 -0.61 -11.47 -7.50
C GLN A 157 0.85 -11.36 -7.06
N ILE A 158 1.10 -10.89 -5.83
CA ILE A 158 2.47 -10.79 -5.33
C ILE A 158 3.12 -12.16 -5.27
N ASP A 159 2.32 -13.22 -5.07
CA ASP A 159 2.80 -14.59 -5.10
C ASP A 159 2.12 -15.39 -6.20
N GLY A 160 1.72 -14.72 -7.28
CA GLY A 160 0.94 -15.34 -8.32
C GLY A 160 1.64 -15.38 -9.65
N PRO A 161 0.98 -15.97 -10.66
CA PRO A 161 1.63 -16.14 -11.98
C PRO A 161 1.87 -14.84 -12.72
N LEU A 162 1.23 -13.73 -12.32
CA LEU A 162 1.35 -12.47 -13.03
C LEU A 162 2.36 -11.51 -12.39
N LYS A 163 3.14 -11.98 -11.41
CA LYS A 163 3.98 -11.07 -10.66
C LYS A 163 5.08 -10.43 -11.52
N GLY A 164 5.53 -11.14 -12.55
CA GLY A 164 6.56 -10.60 -13.43
C GLY A 164 6.13 -9.34 -14.17
N LEU A 165 4.82 -9.08 -14.23
CA LEU A 165 4.33 -7.86 -14.86
C LEU A 165 4.71 -6.62 -14.05
N ALA A 166 4.76 -6.76 -12.72
CA ALA A 166 4.93 -5.59 -11.87
C ALA A 166 6.26 -4.86 -12.09
N PRO A 167 7.41 -5.51 -12.25
CA PRO A 167 8.63 -4.74 -12.53
C PRO A 167 8.62 -4.05 -13.89
N ILE A 168 7.75 -4.46 -14.81
CA ILE A 168 7.73 -3.87 -16.15
C ILE A 168 6.86 -2.63 -16.20
N MET A 169 5.64 -2.71 -15.68
CA MET A 169 4.67 -1.63 -15.85
C MET A 169 3.93 -1.25 -14.57
N GLY A 170 4.27 -1.82 -13.42
CA GLY A 170 3.62 -1.50 -12.18
C GLY A 170 2.45 -2.41 -11.87
N VAL A 171 1.97 -2.31 -10.63
CA VAL A 171 0.88 -3.17 -10.17
C VAL A 171 -0.42 -2.81 -10.90
N GLU A 172 -0.56 -1.57 -11.34
CA GLU A 172 -1.78 -1.16 -12.04
C GLU A 172 -1.91 -1.89 -13.38
N ALA A 173 -0.78 -2.28 -13.98
CA ALA A 173 -0.85 -3.13 -15.17
C ALA A 173 -1.49 -4.46 -14.84
N ILE A 174 -1.32 -4.95 -13.62
CA ILE A 174 -1.94 -6.21 -13.22
C ILE A 174 -3.43 -6.00 -12.95
N ASN A 175 -3.79 -4.85 -12.38
CA ASN A 175 -5.21 -4.48 -12.32
C ASN A 175 -5.81 -4.51 -13.71
N PHE A 176 -5.09 -3.96 -14.68
CA PHE A 176 -5.58 -3.87 -16.05
C PHE A 176 -5.79 -5.25 -16.66
N LEU A 177 -4.79 -6.13 -16.54
CA LEU A 177 -4.86 -7.43 -17.18
C LEU A 177 -5.88 -8.33 -16.50
N LEU A 178 -5.99 -8.26 -15.18
CA LEU A 178 -6.95 -9.10 -14.46
C LEU A 178 -8.38 -8.78 -14.87
N MET A 179 -8.70 -7.49 -15.01
CA MET A 179 -10.02 -7.10 -15.49
C MET A 179 -10.26 -7.61 -16.90
N MET A 180 -9.24 -7.49 -17.76
CA MET A 180 -9.37 -7.97 -19.14
C MET A 180 -9.64 -9.47 -19.18
N VAL A 181 -8.83 -10.25 -18.45
CA VAL A 181 -8.97 -11.70 -18.48
C VAL A 181 -10.31 -12.12 -17.88
N SER A 182 -10.72 -11.47 -16.80
CA SER A 182 -11.98 -11.82 -16.15
C SER A 182 -13.18 -11.48 -17.03
N GLY A 183 -13.07 -10.44 -17.86
CA GLY A 183 -14.16 -10.14 -18.76
C GLY A 183 -14.36 -11.20 -19.83
N LEU A 184 -13.26 -11.67 -20.42
CA LEU A 184 -13.35 -12.65 -21.49
C LEU A 184 -13.81 -14.00 -20.97
N LEU A 185 -13.47 -14.33 -19.72
CA LEU A 185 -14.05 -15.52 -19.10
C LEU A 185 -15.55 -15.36 -18.91
N ALA A 186 -15.98 -14.19 -18.43
CA ALA A 186 -17.40 -13.92 -18.29
C ALA A 186 -18.09 -13.89 -19.65
N LEU A 187 -17.41 -13.35 -20.66
CA LEU A 187 -17.96 -13.34 -22.01
C LEU A 187 -18.11 -14.75 -22.55
N ALA A 188 -17.09 -15.59 -22.34
CA ALA A 188 -17.15 -16.97 -22.83
C ALA A 188 -18.26 -17.75 -22.15
N LEU A 189 -18.52 -17.45 -20.88
CA LEU A 189 -19.55 -18.17 -20.14
C LEU A 189 -20.95 -17.77 -20.59
N VAL A 190 -21.18 -16.46 -20.74
CA VAL A 190 -22.52 -15.98 -21.05
C VAL A 190 -22.89 -16.31 -22.49
N LYS A 191 -21.94 -16.27 -23.41
CA LYS A 191 -22.19 -16.59 -24.80
C LYS A 191 -21.90 -18.04 -25.15
N ARG A 192 -21.46 -18.84 -24.19
CA ARG A 192 -21.13 -20.26 -24.39
C ARG A 192 -20.20 -20.45 -25.59
N ASN A 193 -19.09 -19.71 -25.59
CA ASN A 193 -18.17 -19.68 -26.71
C ASN A 193 -16.76 -19.99 -26.21
N TRP A 194 -16.07 -20.91 -26.90
CA TRP A 194 -14.74 -21.31 -26.47
C TRP A 194 -13.67 -20.28 -26.83
N ARG A 195 -13.86 -19.54 -27.92
CA ARG A 195 -12.85 -18.59 -28.39
C ARG A 195 -12.44 -17.55 -27.35
N PRO A 196 -13.37 -16.87 -26.66
CA PRO A 196 -12.93 -15.91 -25.63
C PRO A 196 -12.19 -16.56 -24.48
N LEU A 197 -12.53 -17.81 -24.14
CA LEU A 197 -11.80 -18.52 -23.11
C LEU A 197 -10.35 -18.78 -23.52
N VAL A 198 -10.15 -19.20 -24.77
CA VAL A 198 -8.79 -19.44 -25.27
C VAL A 198 -7.99 -18.15 -25.21
N VAL A 199 -8.54 -17.05 -25.73
CA VAL A 199 -7.86 -15.77 -25.66
C VAL A 199 -7.57 -15.40 -24.21
N ALA A 200 -8.53 -15.67 -23.31
CA ALA A 200 -8.30 -15.39 -21.89
C ALA A 200 -7.14 -16.22 -21.33
N VAL A 201 -7.03 -17.48 -21.74
CA VAL A 201 -5.97 -18.33 -21.24
C VAL A 201 -4.61 -17.87 -21.77
N VAL A 202 -4.55 -17.52 -23.06
CA VAL A 202 -3.31 -17.01 -23.63
C VAL A 202 -2.90 -15.69 -22.96
N LEU A 203 -3.86 -14.77 -22.83
CA LEU A 203 -3.58 -13.50 -22.19
C LEU A 203 -3.06 -13.69 -20.77
N PHE A 204 -3.66 -14.62 -20.03
CA PHE A 204 -3.23 -14.88 -18.66
C PHE A 204 -1.85 -15.53 -18.63
N ALA A 205 -1.56 -16.44 -19.56
CA ALA A 205 -0.36 -17.25 -19.49
C ALA A 205 0.87 -16.54 -20.03
N LEU A 206 0.70 -15.63 -20.98
CA LEU A 206 1.85 -14.97 -21.62
C LEU A 206 2.84 -14.33 -20.65
N PRO A 207 2.41 -13.60 -19.60
CA PRO A 207 3.41 -12.98 -18.71
C PRO A 207 4.07 -13.93 -17.72
N PHE A 208 3.81 -15.23 -17.82
CA PHE A 208 4.36 -16.16 -16.82
C PHE A 208 5.89 -16.27 -16.89
N PRO A 209 6.52 -16.37 -18.06
CA PRO A 209 7.99 -16.45 -18.09
C PRO A 209 8.69 -15.19 -17.60
N LEU A 210 7.98 -14.07 -17.44
CA LEU A 210 8.61 -12.84 -16.96
C LEU A 210 8.96 -12.89 -15.48
N ARG A 211 8.35 -13.81 -14.72
CA ARG A 211 8.73 -13.95 -13.32
C ARG A 211 10.05 -14.67 -13.13
N TYR A 212 10.64 -15.19 -14.21
CA TYR A 212 11.99 -15.74 -14.18
C TYR A 212 13.04 -14.70 -14.57
N ILE A 213 12.65 -13.42 -14.65
CA ILE A 213 13.55 -12.34 -14.95
C ILE A 213 14.00 -11.69 -13.64
N GLN A 214 15.31 -11.49 -13.49
CA GLN A 214 15.88 -10.82 -12.34
C GLN A 214 16.45 -9.48 -12.80
N TRP A 215 15.76 -8.40 -12.46
CA TRP A 215 16.16 -7.06 -12.88
C TRP A 215 17.18 -6.43 -11.95
N PHE A 216 17.50 -7.08 -10.83
CA PHE A 216 18.40 -6.54 -9.83
C PHE A 216 19.73 -7.29 -9.85
N THR A 217 20.74 -6.64 -9.29
CA THR A 217 22.06 -7.25 -9.10
C THR A 217 22.42 -7.19 -7.63
N PRO A 218 22.38 -8.29 -6.90
CA PRO A 218 22.73 -8.25 -5.48
C PRO A 218 24.20 -7.97 -5.28
N GLN A 219 24.52 -7.40 -4.12
CA GLN A 219 25.89 -7.06 -3.75
C GLN A 219 26.20 -7.81 -2.46
N PRO A 220 26.62 -9.08 -2.56
CA PRO A 220 26.74 -9.91 -1.35
C PRO A 220 27.75 -9.41 -0.34
N GLU A 221 28.81 -8.73 -0.77
CA GLU A 221 29.82 -8.24 0.16
C GLU A 221 29.46 -6.89 0.76
N LYS A 222 28.32 -6.32 0.39
CA LYS A 222 27.77 -5.15 1.07
C LYS A 222 26.68 -5.53 2.05
N THR A 223 26.53 -6.82 2.34
CA THR A 223 25.54 -7.28 3.31
C THR A 223 25.85 -6.73 4.69
N ILE A 224 24.80 -6.31 5.40
CA ILE A 224 24.93 -5.78 6.76
C ILE A 224 23.88 -6.44 7.64
N GLN A 225 24.18 -6.47 8.94
CA GLN A 225 23.20 -6.90 9.92
C GLN A 225 22.29 -5.73 10.27
N VAL A 226 20.98 -5.95 10.18
CA VAL A 226 19.98 -4.92 10.45
C VAL A 226 19.09 -5.39 11.58
N SER A 227 18.76 -4.47 12.48
CA SER A 227 17.84 -4.72 13.59
C SER A 227 16.67 -3.76 13.51
N MET A 228 15.48 -4.29 13.74
CA MET A 228 14.26 -3.49 13.73
C MET A 228 13.54 -3.73 15.03
N VAL A 229 13.44 -2.68 15.86
CA VAL A 229 12.94 -2.82 17.22
C VAL A 229 11.43 -2.68 17.19
N GLN A 230 10.72 -3.79 17.43
CA GLN A 230 9.27 -3.79 17.57
C GLN A 230 8.94 -3.58 19.04
N GLY A 231 8.92 -2.31 19.44
CA GLY A 231 8.77 -1.95 20.84
C GLY A 231 7.43 -2.35 21.42
N ASP A 232 6.39 -2.43 20.57
CA ASP A 232 5.05 -2.82 20.98
C ASP A 232 4.56 -1.97 22.16
N ILE A 233 4.46 -0.67 21.92
CA ILE A 233 3.84 0.23 22.89
C ILE A 233 2.34 0.09 22.72
N PRO A 234 1.58 -0.25 23.76
CA PRO A 234 0.12 -0.34 23.59
C PRO A 234 -0.46 1.00 23.17
N GLN A 235 -1.41 0.95 22.25
CA GLN A 235 -1.95 2.16 21.66
C GLN A 235 -2.66 3.03 22.70
N SER A 236 -3.31 2.40 23.68
CA SER A 236 -4.01 3.17 24.71
C SER A 236 -3.04 3.93 25.61
N LEU A 237 -1.76 3.57 25.57
CA LEU A 237 -0.72 4.22 26.37
C LEU A 237 0.26 5.04 25.55
N LYS A 238 0.31 4.85 24.23
CA LYS A 238 1.42 5.37 23.43
C LYS A 238 1.64 6.86 23.63
N TRP A 239 0.56 7.65 23.60
CA TRP A 239 0.68 9.10 23.63
C TRP A 239 0.43 9.69 25.01
N ASP A 240 0.20 8.86 26.02
CA ASP A 240 0.11 9.36 27.39
C ASP A 240 1.45 9.95 27.80
N GLU A 241 1.40 11.14 28.41
CA GLU A 241 2.65 11.82 28.78
C GLU A 241 3.47 11.01 29.77
N GLY A 242 2.81 10.24 30.65
CA GLY A 242 3.54 9.41 31.58
C GLY A 242 4.23 8.22 30.94
N GLN A 243 3.80 7.84 29.74
CA GLN A 243 4.40 6.69 29.05
C GLN A 243 5.71 7.05 28.36
N LEU A 244 5.95 8.34 28.12
CA LEU A 244 7.11 8.76 27.32
C LEU A 244 8.42 8.25 27.90
N LEU A 245 8.57 8.30 29.22
CA LEU A 245 9.84 7.93 29.83
C LEU A 245 10.09 6.43 29.76
N ASN A 246 9.04 5.62 29.93
CA ASN A 246 9.21 4.18 29.79
C ASN A 246 9.37 3.78 28.34
N THR A 247 8.77 4.52 27.42
CA THR A 247 8.95 4.25 25.99
C THR A 247 10.41 4.42 25.59
N LEU A 248 11.03 5.52 26.03
CA LEU A 248 12.44 5.73 25.73
C LEU A 248 13.31 4.68 26.42
N LYS A 249 12.92 4.27 27.62
CA LYS A 249 13.61 3.18 28.31
C LYS A 249 13.49 1.88 27.52
N ILE A 250 12.27 1.54 27.10
CA ILE A 250 12.02 0.28 26.40
C ILE A 250 12.87 0.21 25.14
N TYR A 251 12.93 1.30 24.37
CA TYR A 251 13.61 1.27 23.08
C TYR A 251 15.13 1.31 23.25
N TYR A 252 15.63 2.10 24.20
CA TYR A 252 17.07 2.16 24.41
C TYR A 252 17.60 0.84 24.94
N ASN A 253 16.88 0.22 25.88
CA ASN A 253 17.34 -1.04 26.45
C ASN A 253 17.35 -2.15 25.40
N ALA A 254 16.40 -2.12 24.46
CA ALA A 254 16.39 -3.11 23.39
C ALA A 254 17.52 -2.86 22.39
N THR A 255 17.97 -1.62 22.26
CA THR A 255 18.97 -1.25 21.27
C THR A 255 20.39 -1.38 21.77
N ALA A 256 20.62 -1.19 23.08
CA ALA A 256 21.96 -1.26 23.66
C ALA A 256 22.72 -2.53 23.30
N PRO A 257 22.15 -3.74 23.42
CA PRO A 257 22.93 -4.95 23.06
C PRO A 257 23.25 -5.05 21.58
N LEU A 258 22.57 -4.27 20.73
CA LEU A 258 22.76 -4.38 19.29
C LEU A 258 23.85 -3.47 18.75
N MET A 259 24.19 -2.40 19.47
CA MET A 259 25.20 -1.46 18.98
C MET A 259 26.54 -2.17 18.82
N GLY A 260 27.24 -1.84 17.73
CA GLY A 260 28.46 -2.53 17.38
C GLY A 260 28.28 -3.87 16.73
N LYS A 261 27.04 -4.37 16.64
CA LYS A 261 26.73 -5.62 15.97
C LYS A 261 25.90 -5.43 14.72
N SER A 262 24.85 -4.61 14.80
CA SER A 262 24.02 -4.29 13.65
C SER A 262 24.45 -2.94 13.08
N SER A 263 24.72 -2.90 11.78
CA SER A 263 25.11 -1.65 11.14
C SER A 263 23.97 -0.64 11.18
N LEU A 264 22.73 -1.10 11.01
CA LEU A 264 21.57 -0.22 10.93
C LEU A 264 20.50 -0.72 11.90
N ILE A 265 20.00 0.18 12.73
CA ILE A 265 18.94 -0.12 13.68
C ILE A 265 17.77 0.81 13.38
N ILE A 266 16.55 0.29 13.46
CA ILE A 266 15.36 1.02 13.05
C ILE A 266 14.31 0.94 14.16
N TRP A 267 13.72 2.09 14.50
CA TRP A 267 12.56 2.22 15.36
C TRP A 267 11.35 2.68 14.53
N PRO A 268 10.14 2.27 14.89
CA PRO A 268 9.00 2.49 13.99
C PRO A 268 8.45 3.92 14.00
N GLU A 269 7.26 4.09 13.40
CA GLU A 269 6.67 5.41 13.23
C GLU A 269 6.35 6.05 14.57
N SER A 270 6.82 7.28 14.76
N SER A 270 6.79 7.30 14.74
CA SER A 270 6.58 8.04 15.99
CA SER A 270 6.63 8.07 15.97
C SER A 270 6.97 7.24 17.22
C SER A 270 6.98 7.24 17.20
N ALA A 271 8.10 6.52 17.12
CA ALA A 271 8.55 5.72 18.26
C ALA A 271 8.83 6.62 19.47
N ILE A 272 9.56 7.71 19.24
CA ILE A 272 9.74 8.75 20.25
C ILE A 272 8.50 9.64 20.19
N THR A 273 7.61 9.48 21.16
CA THR A 273 6.34 10.19 21.19
C THR A 273 6.51 11.54 21.90
N ASP A 274 7.38 12.37 21.33
CA ASP A 274 7.66 13.69 21.87
C ASP A 274 8.25 14.55 20.77
N LEU A 275 8.10 15.86 20.92
CA LEU A 275 8.67 16.81 19.96
C LEU A 275 10.18 16.66 19.90
N GLU A 276 10.74 16.85 18.70
CA GLU A 276 12.17 16.67 18.51
C GLU A 276 12.98 17.71 19.29
N ILE A 277 12.45 18.93 19.40
CA ILE A 277 13.13 19.97 20.16
C ILE A 277 13.20 19.60 21.63
N ASN A 278 12.26 18.78 22.10
CA ASN A 278 12.17 18.41 23.51
C ASN A 278 13.19 17.36 23.92
N GLN A 279 13.83 16.67 22.97
CA GLN A 279 14.62 15.48 23.27
C GLN A 279 16.07 15.59 22.84
N GLN A 280 16.60 16.81 22.71
CA GLN A 280 18.00 16.97 22.31
C GLN A 280 18.99 16.29 23.26
N PRO A 281 18.83 16.35 24.59
CA PRO A 281 19.77 15.58 25.44
C PRO A 281 19.80 14.10 25.12
N PHE A 282 18.63 13.46 25.06
CA PHE A 282 18.57 12.03 24.76
C PHE A 282 19.13 11.74 23.37
N LEU A 283 18.78 12.55 22.38
CA LEU A 283 19.21 12.30 21.01
C LEU A 283 20.72 12.46 20.86
N LYS A 284 21.30 13.49 21.49
CA LYS A 284 22.74 13.70 21.37
C LYS A 284 23.53 12.59 22.05
N ALA A 285 23.10 12.17 23.23
CA ALA A 285 23.80 11.09 23.93
C ALA A 285 23.70 9.79 23.15
N LEU A 286 22.52 9.47 22.64
CA LEU A 286 22.34 8.26 21.84
C LEU A 286 23.20 8.30 20.58
N ASP A 287 23.33 9.48 19.97
CA ASP A 287 24.08 9.60 18.73
C ASP A 287 25.56 9.30 18.93
N GLY A 288 26.13 9.77 20.05
CA GLY A 288 27.53 9.52 20.30
C GLY A 288 27.83 8.08 20.62
N GLU A 289 27.00 7.46 21.45
CA GLU A 289 27.17 6.04 21.77
C GLU A 289 27.04 5.19 20.52
N LEU A 290 26.11 5.54 19.63
CA LEU A 290 25.94 4.80 18.39
C LEU A 290 27.13 5.00 17.47
N ARG A 291 27.68 6.21 17.43
CA ARG A 291 28.85 6.48 16.59
C ARG A 291 30.11 5.79 17.13
N ASP A 292 30.22 5.66 18.46
CA ASP A 292 31.41 5.07 19.04
C ASP A 292 31.49 3.58 18.74
N LYS A 293 30.37 2.87 18.90
CA LYS A 293 30.23 1.58 18.24
C LYS A 293 30.02 1.81 16.75
N GLY A 294 29.97 0.73 15.97
CA GLY A 294 29.87 0.92 14.54
C GLY A 294 28.46 1.06 14.00
N SER A 295 27.52 1.51 14.82
CA SER A 295 26.10 1.38 14.54
C SER A 295 25.47 2.70 14.12
N SER A 296 24.34 2.58 13.42
CA SER A 296 23.52 3.70 12.99
C SER A 296 22.06 3.41 13.33
N LEU A 297 21.28 4.47 13.54
CA LEU A 297 19.88 4.33 13.93
C LEU A 297 19.01 5.30 13.16
N VAL A 298 17.88 4.80 12.68
CA VAL A 298 16.82 5.63 12.12
C VAL A 298 15.55 5.38 12.93
N THR A 299 14.81 6.43 13.22
CA THR A 299 13.66 6.31 14.11
C THR A 299 12.60 7.32 13.73
N GLY A 300 11.35 6.99 14.05
CA GLY A 300 10.27 7.93 13.90
C GLY A 300 10.16 8.86 15.09
N ILE A 301 9.60 10.04 14.82
CA ILE A 301 9.44 11.08 15.83
C ILE A 301 8.50 12.14 15.26
N VAL A 302 8.04 13.05 16.10
CA VAL A 302 7.26 14.20 15.66
C VAL A 302 8.12 15.44 15.80
N ASP A 303 8.06 16.32 14.80
CA ASP A 303 8.87 17.54 14.76
C ASP A 303 7.95 18.73 14.59
N ALA A 304 7.85 19.56 15.62
CA ALA A 304 7.18 20.86 15.55
C ALA A 304 8.26 21.90 15.30
N ARG A 305 8.44 22.29 14.05
CA ARG A 305 9.57 23.12 13.62
C ARG A 305 9.11 24.56 13.49
N LEU A 306 9.83 25.48 14.13
CA LEU A 306 9.55 26.89 13.96
C LEU A 306 10.05 27.38 12.61
N ASN A 307 9.18 28.03 11.86
CA ASN A 307 9.41 28.36 10.46
C ASN A 307 9.79 29.83 10.28
N LYS A 308 9.93 30.22 9.01
CA LYS A 308 10.35 31.57 8.67
C LYS A 308 9.31 32.62 9.04
N GLN A 309 8.04 32.24 9.15
CA GLN A 309 6.94 33.16 9.43
C GLN A 309 6.43 33.00 10.87
N ASN A 310 7.35 32.76 11.80
CA ASN A 310 7.06 32.76 13.23
C ASN A 310 6.03 31.71 13.64
N ARG A 311 5.89 30.63 12.87
CA ARG A 311 4.88 29.62 13.17
C ARG A 311 5.49 28.23 13.09
N TYR A 312 4.80 27.27 13.71
CA TYR A 312 5.27 25.90 13.82
C TYR A 312 4.53 25.01 12.83
N ASP A 313 5.28 24.27 12.01
CA ASP A 313 4.74 23.20 11.18
C ASP A 313 5.11 21.87 11.82
N THR A 314 4.10 21.15 12.28
CA THR A 314 4.31 19.85 12.93
C THR A 314 4.35 18.75 11.88
N TYR A 315 5.37 17.90 11.96
CA TYR A 315 5.59 16.86 10.96
C TYR A 315 5.62 15.48 11.60
N ASN A 316 5.26 14.48 10.80
CA ASN A 316 5.48 13.07 11.11
C ASN A 316 6.76 12.66 10.39
N THR A 317 7.85 12.46 11.14
CA THR A 317 9.17 12.49 10.53
C THR A 317 10.01 11.28 10.91
N ILE A 318 11.04 11.04 10.10
CA ILE A 318 12.08 10.07 10.36
C ILE A 318 13.39 10.81 10.48
N ILE A 319 14.14 10.53 11.55
CA ILE A 319 15.44 11.15 11.76
C ILE A 319 16.51 10.06 11.78
N THR A 320 17.76 10.48 11.57
CA THR A 320 18.90 9.58 11.53
C THR A 320 19.94 9.99 12.57
N LEU A 321 20.62 8.99 13.12
CA LEU A 321 21.65 9.21 14.12
C LEU A 321 22.75 8.17 13.95
N GLY A 322 23.90 8.46 14.55
CA GLY A 322 24.97 7.48 14.62
C GLY A 322 25.99 7.55 13.49
N LYS A 323 26.64 6.41 13.24
CA LYS A 323 27.73 6.35 12.27
C LYS A 323 27.25 6.73 10.87
N GLY A 324 28.00 7.59 10.21
CA GLY A 324 27.63 8.05 8.88
C GLY A 324 26.40 8.92 8.82
N ALA A 325 25.87 9.32 9.97
CA ALA A 325 24.72 10.21 10.03
C ALA A 325 24.69 10.91 11.39
N PRO A 326 25.63 11.80 11.67
CA PRO A 326 25.64 12.47 12.97
C PRO A 326 24.40 13.32 13.14
N TYR A 327 23.67 13.10 14.23
CA TYR A 327 22.40 13.77 14.40
C TYR A 327 22.58 15.26 14.61
N SER A 328 21.68 16.04 14.00
CA SER A 328 21.61 17.48 14.20
C SER A 328 20.18 17.90 13.94
N TYR A 329 19.68 18.85 14.74
CA TYR A 329 18.33 19.35 14.50
C TYR A 329 18.25 20.10 13.17
N GLU A 330 19.37 20.61 12.69
CA GLU A 330 19.44 21.30 11.41
C GLU A 330 19.84 20.37 10.26
N SER A 331 19.97 19.07 10.53
CA SER A 331 20.39 18.14 9.49
C SER A 331 19.28 17.92 8.47
N ALA A 332 19.64 17.96 7.19
CA ALA A 332 18.73 17.61 6.12
C ALA A 332 18.51 16.10 6.01
N ASP A 333 19.31 15.32 6.71
CA ASP A 333 19.18 13.86 6.70
C ASP A 333 17.95 13.42 7.47
N ARG A 334 16.77 13.66 6.89
CA ARG A 334 15.50 13.38 7.54
C ARG A 334 14.43 13.23 6.49
N TYR A 335 13.26 12.76 6.92
CA TYR A 335 12.11 12.60 6.03
C TYR A 335 10.85 13.07 6.75
N ASN A 336 10.07 13.91 6.08
CA ASN A 336 8.79 14.39 6.60
C ASN A 336 7.65 13.79 5.80
N LYS A 337 6.67 13.21 6.49
CA LYS A 337 5.54 12.57 5.82
C LYS A 337 4.84 13.55 4.89
N ASN A 338 4.55 13.09 3.67
CA ASN A 338 3.91 13.91 2.65
C ASN A 338 2.41 13.68 2.54
N HIS A 339 1.99 12.42 2.50
CA HIS A 339 0.58 12.08 2.31
C HIS A 339 -0.02 11.74 3.67
N LEU A 340 -0.76 12.68 4.24
CA LEU A 340 -1.35 12.50 5.56
C LEU A 340 -2.68 11.75 5.44
N VAL A 341 -3.10 11.14 6.55
CA VAL A 341 -4.35 10.39 6.59
C VAL A 341 -5.50 11.35 6.89
N PRO A 342 -6.59 11.30 6.13
CA PRO A 342 -7.72 12.19 6.40
C PRO A 342 -8.35 11.90 7.76
N PHE A 343 -8.74 12.97 8.46
CA PHE A 343 -9.32 12.95 9.80
C PHE A 343 -8.28 12.57 10.85
N GLY A 344 -7.43 11.58 10.55
CA GLY A 344 -6.43 11.17 11.52
C GLY A 344 -5.30 12.16 11.69
N GLU A 345 -4.85 12.77 10.59
CA GLU A 345 -3.73 13.70 10.62
C GLU A 345 -4.07 15.08 10.09
N PHE A 346 -5.26 15.28 9.52
CA PHE A 346 -5.70 16.57 9.02
C PHE A 346 -7.18 16.44 8.70
N VAL A 347 -7.80 17.56 8.32
CA VAL A 347 -9.22 17.56 7.98
C VAL A 347 -9.40 18.05 6.55
N PRO A 348 -10.32 17.45 5.78
CA PRO A 348 -10.46 17.83 4.36
C PRO A 348 -10.87 19.27 4.13
N LEU A 349 -11.41 19.96 5.14
CA LEU A 349 -11.84 21.34 4.95
C LEU A 349 -10.63 22.28 4.96
N GLU A 350 -10.85 23.46 4.39
CA GLU A 350 -9.82 24.51 4.39
C GLU A 350 -10.43 25.86 4.01
N SER A 365 -5.36 21.35 15.42
CA SER A 365 -4.06 20.70 15.35
C SER A 365 -3.99 19.71 14.18
N SER A 366 -3.25 20.09 13.15
CA SER A 366 -3.06 19.25 11.98
C SER A 366 -1.57 19.12 11.68
N PHE A 367 -1.24 18.11 10.89
CA PHE A 367 0.14 17.89 10.47
C PHE A 367 0.41 18.67 9.17
N SER A 368 1.66 19.09 9.01
CA SER A 368 2.10 19.67 7.76
C SER A 368 2.74 18.59 6.89
N ARG A 369 2.74 18.83 5.58
CA ARG A 369 3.20 17.85 4.61
C ARG A 369 4.64 18.16 4.21
N GLY A 370 5.48 17.13 4.19
CA GLY A 370 6.78 17.23 3.60
C GLY A 370 6.66 17.32 2.09
N PRO A 371 7.76 17.63 1.40
CA PRO A 371 7.70 17.73 -0.06
C PRO A 371 7.35 16.39 -0.70
N TYR A 372 6.71 16.47 -1.86
CA TYR A 372 6.33 15.26 -2.59
C TYR A 372 7.55 14.40 -2.90
N ILE A 373 8.68 15.03 -3.17
CA ILE A 373 9.93 14.32 -3.46
C ILE A 373 10.97 14.80 -2.45
N GLN A 374 11.55 13.85 -1.72
CA GLN A 374 12.60 14.10 -0.75
C GLN A 374 13.76 13.15 -1.01
N PRO A 375 14.99 13.57 -0.71
CA PRO A 375 16.15 12.71 -0.99
C PRO A 375 16.14 11.48 -0.10
N PRO A 376 16.83 10.42 -0.50
CA PRO A 376 16.91 9.23 0.35
C PRO A 376 17.67 9.52 1.64
N LEU A 377 17.28 8.82 2.70
CA LEU A 377 18.03 8.90 3.94
C LEU A 377 19.41 8.29 3.78
N SER A 378 20.38 8.81 4.54
CA SER A 378 21.74 8.29 4.54
C SER A 378 22.11 7.89 5.97
N ALA A 379 22.60 6.67 6.13
CA ALA A 379 22.95 6.16 7.45
C ALA A 379 23.99 5.07 7.29
N ASN A 380 25.18 5.28 7.86
CA ASN A 380 26.27 4.31 7.82
C ASN A 380 26.66 3.98 6.38
N GLY A 381 26.57 4.95 5.48
CA GLY A 381 26.82 4.71 4.08
C GLY A 381 25.70 4.03 3.32
N ILE A 382 24.55 3.84 3.97
CA ILE A 382 23.39 3.22 3.34
C ILE A 382 22.44 4.31 2.89
N GLU A 383 21.83 4.12 1.72
CA GLU A 383 20.84 5.05 1.18
C GLU A 383 19.48 4.37 1.18
N LEU A 384 18.53 4.95 1.91
CA LEU A 384 17.21 4.37 2.11
C LEU A 384 16.14 5.30 1.55
N THR A 385 15.27 4.77 0.69
CA THR A 385 14.12 5.51 0.21
C THR A 385 12.97 5.28 1.19
N ALA A 386 12.51 6.36 1.82
CA ALA A 386 11.62 6.26 2.96
C ALA A 386 10.17 6.55 2.59
N ALA A 387 9.26 5.90 3.31
CA ALA A 387 7.83 6.17 3.24
C ALA A 387 7.22 5.76 4.57
N ILE A 388 6.35 6.60 5.12
CA ILE A 388 5.79 6.37 6.45
C ILE A 388 4.43 5.69 6.31
N SER A 389 4.34 4.45 6.80
CA SER A 389 3.08 3.72 6.88
CA SER A 389 3.08 3.72 6.88
C SER A 389 2.32 3.70 5.56
N TYR A 390 1.11 4.27 5.57
CA TYR A 390 0.18 4.31 4.44
C TYR A 390 0.84 4.70 3.13
N GLU A 391 1.87 5.54 3.18
CA GLU A 391 2.54 6.02 1.98
C GLU A 391 3.12 4.88 1.14
N ILE A 392 3.38 3.72 1.74
CA ILE A 392 3.96 2.61 1.00
C ILE A 392 3.00 2.08 -0.06
N ILE A 393 1.70 2.36 0.05
CA ILE A 393 0.76 1.92 -0.99
C ILE A 393 0.72 2.87 -2.18
N LEU A 394 1.33 4.04 -2.06
CA LEU A 394 1.37 5.01 -3.16
C LEU A 394 2.52 4.64 -4.08
N GLY A 395 2.24 3.72 -5.02
CA GLY A 395 3.30 3.13 -5.82
C GLY A 395 4.02 4.14 -6.68
N GLU A 396 3.27 5.01 -7.36
CA GLU A 396 3.91 6.02 -8.20
C GLU A 396 4.73 6.99 -7.36
N GLN A 397 4.26 7.32 -6.15
CA GLN A 397 4.99 8.24 -5.30
C GLN A 397 6.28 7.61 -4.77
N VAL A 398 6.20 6.34 -4.35
CA VAL A 398 7.42 5.62 -3.95
C VAL A 398 8.40 5.55 -5.12
N ARG A 399 7.88 5.30 -6.32
CA ARG A 399 8.74 5.25 -7.51
C ARG A 399 9.36 6.62 -7.79
N ASP A 400 8.60 7.69 -7.57
CA ASP A 400 9.13 9.03 -7.86
C ASP A 400 10.23 9.43 -6.89
N ASN A 401 10.19 8.92 -5.66
CA ASN A 401 11.23 9.20 -4.68
C ASN A 401 12.40 8.24 -4.79
N PHE A 402 12.21 7.09 -5.42
CA PHE A 402 13.29 6.15 -5.65
C PHE A 402 14.40 6.80 -6.47
N ARG A 403 15.64 6.46 -6.13
CA ARG A 403 16.81 6.86 -6.89
C ARG A 403 17.59 5.62 -7.31
N PRO A 404 18.34 5.67 -8.41
CA PRO A 404 19.14 4.50 -8.81
C PRO A 404 20.14 4.07 -7.75
N ASP A 405 20.65 4.99 -6.93
CA ASP A 405 21.59 4.68 -5.88
C ASP A 405 20.92 4.24 -4.58
N THR A 406 19.60 4.08 -4.59
CA THR A 406 18.90 3.60 -3.40
C THR A 406 19.28 2.15 -3.12
N ASP A 407 19.69 1.87 -1.89
CA ASP A 407 20.11 0.53 -1.50
C ASP A 407 18.94 -0.31 -0.99
N TYR A 408 18.10 0.28 -0.13
CA TYR A 408 16.91 -0.40 0.38
C TYR A 408 15.74 0.56 0.38
N LEU A 409 14.53 0.00 0.27
CA LEU A 409 13.33 0.75 0.61
C LEU A 409 13.09 0.65 2.11
N LEU A 410 12.59 1.74 2.69
CA LEU A 410 12.32 1.79 4.12
C LEU A 410 10.89 2.25 4.35
N THR A 411 10.17 1.53 5.21
CA THR A 411 8.88 1.98 5.69
C THR A 411 8.78 1.69 7.18
N ILE A 412 8.26 2.66 7.92
CA ILE A 412 8.00 2.51 9.34
C ILE A 412 6.53 2.85 9.58
N SER A 413 5.89 2.09 10.46
CA SER A 413 4.45 2.19 10.60
C SER A 413 4.02 1.82 12.01
N ASN A 414 2.83 2.27 12.37
CA ASN A 414 2.13 1.87 13.60
C ASN A 414 0.79 1.30 13.14
N ASP A 415 0.76 -0.01 12.94
CA ASP A 415 -0.41 -0.68 12.38
C ASP A 415 -1.44 -1.06 13.42
N ALA A 416 -1.33 -0.53 14.64
CA ALA A 416 -2.44 -0.68 15.59
C ALA A 416 -3.71 -0.03 15.05
N TRP A 417 -3.55 1.03 14.26
CA TRP A 417 -4.68 1.70 13.61
C TRP A 417 -5.34 0.85 12.53
N PHE A 418 -4.79 -0.31 12.21
CA PHE A 418 -5.38 -1.22 11.23
C PHE A 418 -6.09 -2.40 11.90
N GLY A 419 -6.13 -2.44 13.22
CA GLY A 419 -6.81 -3.49 13.94
C GLY A 419 -5.96 -4.75 14.10
N LYS A 420 -6.45 -5.63 14.96
CA LYS A 420 -5.88 -6.97 15.12
C LYS A 420 -6.53 -7.95 14.13
N SER A 421 -6.75 -7.48 12.91
CA SER A 421 -7.62 -8.17 11.96
C SER A 421 -6.90 -8.47 10.65
N ILE A 422 -7.60 -8.29 9.53
CA ILE A 422 -6.99 -8.43 8.21
C ILE A 422 -6.33 -7.16 7.74
N GLY A 423 -6.58 -6.04 8.43
CA GLY A 423 -6.04 -4.74 8.06
C GLY A 423 -4.54 -4.71 7.90
N PRO A 424 -3.80 -5.04 8.97
CA PRO A 424 -2.33 -5.01 8.87
C PRO A 424 -1.77 -5.98 7.84
N TRP A 425 -2.50 -7.06 7.51
CA TRP A 425 -2.01 -8.00 6.50
C TRP A 425 -2.22 -7.46 5.10
N GLN A 426 -3.34 -6.78 4.86
CA GLN A 426 -3.54 -6.12 3.56
C GLN A 426 -2.52 -5.01 3.36
N HIS A 427 -2.25 -4.23 4.41
CA HIS A 427 -1.21 -3.22 4.35
C HIS A 427 0.15 -3.85 4.05
N PHE A 428 0.48 -4.91 4.78
CA PHE A 428 1.76 -5.60 4.59
C PHE A 428 1.88 -6.16 3.18
N GLN A 429 0.79 -6.70 2.64
CA GLN A 429 0.83 -7.28 1.31
C GLN A 429 1.22 -6.26 0.26
N MET A 430 0.66 -5.05 0.36
CA MET A 430 0.90 -4.02 -0.66
C MET A 430 2.29 -3.41 -0.52
N ALA A 431 2.83 -3.36 0.69
CA ALA A 431 4.22 -2.94 0.85
C ALA A 431 5.16 -3.89 0.11
N ARG A 432 4.81 -5.17 0.05
CA ARG A 432 5.62 -6.15 -0.67
C ARG A 432 5.73 -5.81 -2.15
N MET A 433 4.70 -5.19 -2.71
CA MET A 433 4.70 -4.88 -4.14
C MET A 433 5.74 -3.82 -4.48
N ARG A 434 6.06 -2.93 -3.53
CA ARG A 434 7.08 -1.91 -3.79
C ARG A 434 8.44 -2.54 -4.05
N ALA A 435 8.80 -3.55 -3.26
CA ALA A 435 10.08 -4.23 -3.46
C ALA A 435 10.13 -4.92 -4.81
N LEU A 436 9.02 -5.54 -5.21
CA LEU A 436 8.98 -6.21 -6.51
C LEU A 436 9.09 -5.21 -7.66
N GLU A 437 8.36 -4.10 -7.56
CA GLU A 437 8.33 -3.13 -8.65
C GLU A 437 9.69 -2.49 -8.89
N LEU A 438 10.43 -2.21 -7.81
CA LEU A 438 11.68 -1.47 -7.90
C LEU A 438 12.91 -2.35 -7.72
N ALA A 439 12.74 -3.65 -7.46
CA ALA A 439 13.84 -4.60 -7.32
C ALA A 439 14.83 -4.17 -6.22
N ARG A 440 14.28 -3.81 -5.07
CA ARG A 440 15.07 -3.46 -3.90
C ARG A 440 14.52 -4.20 -2.68
N PRO A 441 15.38 -4.54 -1.73
CA PRO A 441 14.87 -5.07 -0.45
C PRO A 441 14.10 -3.99 0.28
N LEU A 442 13.08 -4.42 1.03
CA LEU A 442 12.22 -3.51 1.78
C LEU A 442 12.35 -3.81 3.27
N LEU A 443 12.69 -2.78 4.03
CA LEU A 443 12.78 -2.87 5.48
C LEU A 443 11.52 -2.27 6.09
N ARG A 444 10.70 -3.11 6.72
CA ARG A 444 9.44 -2.68 7.30
C ARG A 444 9.50 -2.84 8.82
N SER A 445 9.60 -1.71 9.53
CA SER A 445 9.68 -1.68 10.98
C SER A 445 8.37 -1.11 11.52
N THR A 446 7.68 -1.90 12.37
CA THR A 446 6.37 -1.53 12.89
C THR A 446 6.36 -1.59 14.41
N ASN A 447 5.40 -0.86 14.99
CA ASN A 447 5.23 -0.87 16.44
C ASN A 447 4.82 -2.24 16.95
N ASN A 448 3.82 -2.84 16.31
CA ASN A 448 3.34 -4.15 16.74
C ASN A 448 2.84 -5.02 15.61
N GLY A 449 2.83 -4.54 14.37
CA GLY A 449 2.15 -5.25 13.31
C GLY A 449 2.97 -5.57 12.07
N ILE A 450 3.46 -6.80 12.00
CA ILE A 450 4.20 -7.32 10.85
C ILE A 450 5.44 -6.50 10.57
N THR A 451 6.49 -6.72 11.36
CA THR A 451 7.82 -6.24 11.05
C THR A 451 8.53 -7.30 10.22
N ALA A 452 9.11 -6.90 9.10
CA ALA A 452 9.65 -7.90 8.18
C ALA A 452 10.65 -7.26 7.24
N VAL A 453 11.49 -8.11 6.65
CA VAL A 453 12.38 -7.75 5.56
C VAL A 453 11.86 -8.43 4.30
N ILE A 454 11.59 -7.64 3.28
CA ILE A 454 11.08 -8.13 2.01
C ILE A 454 12.21 -8.12 0.99
N GLY A 455 12.34 -9.21 0.23
CA GLY A 455 13.38 -9.33 -0.77
C GLY A 455 13.05 -8.54 -2.01
N PRO A 456 14.05 -8.41 -2.89
CA PRO A 456 13.88 -7.62 -4.12
C PRO A 456 12.89 -8.21 -5.12
N GLN A 457 12.29 -9.37 -4.82
CA GLN A 457 11.23 -9.91 -5.65
C GLN A 457 9.92 -10.08 -4.89
N GLY A 458 9.74 -9.31 -3.81
CA GLY A 458 8.53 -9.36 -3.03
C GLY A 458 8.45 -10.50 -2.03
N GLU A 459 9.41 -11.42 -2.04
CA GLU A 459 9.41 -12.53 -1.10
C GLU A 459 9.72 -12.02 0.32
N ILE A 460 9.21 -12.75 1.30
CA ILE A 460 9.40 -12.40 2.71
C ILE A 460 10.66 -13.12 3.19
N GLN A 461 11.74 -12.34 3.40
CA GLN A 461 13.01 -12.94 3.82
C GLN A 461 13.02 -13.23 5.32
N ALA A 462 12.49 -12.32 6.12
CA ALA A 462 12.45 -12.49 7.57
C ALA A 462 11.22 -11.79 8.12
N MET A 463 10.70 -12.30 9.22
CA MET A 463 9.48 -11.76 9.82
C MET A 463 9.38 -12.23 11.26
N ILE A 464 8.87 -11.36 12.13
CA ILE A 464 8.61 -11.71 13.52
C ILE A 464 7.11 -11.67 13.76
N PRO A 465 6.58 -12.39 14.76
CA PRO A 465 5.14 -12.37 14.98
C PRO A 465 4.66 -11.01 15.48
N GLN A 466 3.37 -10.77 15.26
CA GLN A 466 2.75 -9.53 15.72
C GLN A 466 2.57 -9.54 17.24
N PHE A 467 2.37 -8.35 17.79
CA PHE A 467 1.96 -8.19 19.19
C PHE A 467 2.99 -8.79 20.14
N THR A 468 4.26 -8.61 19.82
CA THR A 468 5.36 -9.00 20.68
C THR A 468 6.35 -7.85 20.77
N ARG A 469 7.03 -7.75 21.92
CA ARG A 469 8.10 -6.78 22.10
C ARG A 469 9.42 -7.52 21.88
N GLU A 470 9.93 -7.45 20.65
CA GLU A 470 11.18 -8.08 20.29
C GLU A 470 11.77 -7.32 19.11
N VAL A 471 12.95 -7.75 18.68
CA VAL A 471 13.65 -7.10 17.58
C VAL A 471 13.99 -8.15 16.53
N LEU A 472 13.80 -7.79 15.26
CA LEU A 472 14.15 -8.66 14.15
C LEU A 472 15.59 -8.34 13.74
N THR A 473 16.48 -9.31 13.89
CA THR A 473 17.88 -9.17 13.51
C THR A 473 18.21 -10.23 12.46
N THR A 474 18.66 -9.78 11.29
CA THR A 474 19.01 -10.69 10.21
C THR A 474 19.95 -9.98 9.25
N ASN A 475 20.53 -10.74 8.33
CA ASN A 475 21.35 -10.18 7.28
C ASN A 475 20.48 -9.83 6.08
N VAL A 476 20.76 -8.68 5.47
CA VAL A 476 20.05 -8.24 4.28
C VAL A 476 21.07 -7.70 3.28
N THR A 477 20.87 -8.02 2.01
CA THR A 477 21.82 -7.67 0.96
C THR A 477 21.22 -6.63 0.04
N PRO A 478 21.91 -5.50 -0.18
CA PRO A 478 21.37 -4.47 -1.07
C PRO A 478 21.47 -4.89 -2.52
N THR A 479 20.75 -4.16 -3.37
CA THR A 479 20.72 -4.47 -4.80
C THR A 479 20.97 -3.22 -5.62
N THR A 480 21.39 -3.44 -6.86
CA THR A 480 21.49 -2.39 -7.86
C THR A 480 20.74 -2.83 -9.11
N GLY A 481 20.46 -1.87 -9.98
CA GLY A 481 19.75 -2.14 -11.21
C GLY A 481 18.42 -1.41 -11.29
N LEU A 482 17.93 -1.19 -12.50
CA LEU A 482 16.71 -0.43 -12.73
C LEU A 482 15.69 -1.31 -13.45
N THR A 483 14.53 -1.49 -12.83
CA THR A 483 13.43 -2.14 -13.51
C THR A 483 12.87 -1.21 -14.59
N PRO A 484 12.17 -1.76 -15.59
CA PRO A 484 11.50 -0.87 -16.56
C PRO A 484 10.54 0.09 -15.89
N TYR A 485 9.86 -0.35 -14.83
CA TYR A 485 8.90 0.51 -14.15
C TYR A 485 9.59 1.64 -13.39
N ALA A 486 10.75 1.35 -12.79
CA ALA A 486 11.50 2.40 -12.12
C ALA A 486 11.94 3.48 -13.11
N ARG A 487 12.27 3.07 -14.34
CA ARG A 487 12.69 4.04 -15.36
C ARG A 487 11.54 4.94 -15.76
N THR A 488 10.35 4.37 -15.97
CA THR A 488 9.26 5.07 -16.63
C THR A 488 8.18 5.55 -15.68
N GLY A 489 7.79 4.74 -14.70
CA GLY A 489 6.61 5.07 -13.94
C GLY A 489 5.35 4.60 -14.64
N ASN A 490 4.26 5.34 -14.45
CA ASN A 490 2.95 4.90 -14.89
C ASN A 490 2.62 5.25 -16.33
N TRP A 491 3.37 6.16 -16.96
CA TRP A 491 2.94 6.69 -18.25
C TRP A 491 2.80 5.64 -19.35
N PRO A 492 3.59 4.55 -19.42
CA PRO A 492 3.30 3.54 -20.44
C PRO A 492 1.93 2.89 -20.29
N LEU A 493 1.52 2.59 -19.06
CA LEU A 493 0.17 2.02 -18.88
C LEU A 493 -0.90 3.04 -19.23
N TRP A 494 -0.65 4.32 -18.93
CA TRP A 494 -1.64 5.35 -19.22
C TRP A 494 -1.84 5.53 -20.73
N VAL A 495 -0.76 5.50 -21.51
CA VAL A 495 -0.93 5.58 -22.95
C VAL A 495 -1.60 4.32 -23.49
N LEU A 496 -1.53 3.20 -22.75
CA LEU A 496 -2.25 2.01 -23.16
C LEU A 496 -3.75 2.18 -22.95
N THR A 497 -4.16 2.67 -21.78
CA THR A 497 -5.57 2.93 -21.54
C THR A 497 -6.11 4.05 -22.42
N ALA A 498 -5.25 4.97 -22.85
CA ALA A 498 -5.69 5.99 -23.81
C ALA A 498 -5.90 5.38 -25.19
N LEU A 499 -5.01 4.48 -25.62
CA LEU A 499 -5.18 3.81 -26.90
C LEU A 499 -6.41 2.92 -26.89
N PHE A 500 -6.63 2.19 -25.79
CA PHE A 500 -7.83 1.37 -25.67
C PHE A 500 -9.09 2.24 -25.59
N GLY A 501 -9.05 3.30 -24.79
CA GLY A 501 -10.21 4.18 -24.69
C GLY A 501 -10.55 4.83 -26.01
N PHE A 502 -9.53 5.33 -26.72
CA PHE A 502 -9.73 5.89 -28.05
C PHE A 502 -10.36 4.85 -28.98
N ALA A 503 -9.81 3.63 -28.96
CA ALA A 503 -10.33 2.58 -29.84
C ALA A 503 -11.75 2.20 -29.48
N ALA A 504 -12.02 2.04 -28.18
CA ALA A 504 -13.36 1.63 -27.76
C ALA A 504 -14.40 2.71 -28.06
N VAL A 505 -14.05 3.98 -27.84
CA VAL A 505 -14.99 5.07 -28.12
C VAL A 505 -15.30 5.13 -29.62
N LEU A 506 -14.27 4.97 -30.46
CA LEU A 506 -14.51 4.95 -31.90
C LEU A 506 -15.29 3.72 -32.32
N MET A 507 -15.01 2.57 -31.69
CA MET A 507 -15.69 1.34 -32.09
C MET A 507 -17.18 1.40 -31.81
N SER A 508 -17.61 2.22 -30.84
CA SER A 508 -19.02 2.50 -30.64
C SER A 508 -19.48 3.58 -31.62
N LEU A 509 -19.28 3.27 -32.90
CA LEU A 509 -19.63 4.19 -33.98
C LEU A 509 -21.07 3.97 -34.44
C1 OLB B . -11.95 -12.13 -28.24
C2 OLB B . -11.27 -10.80 -28.41
C3 OLB B . -10.00 -10.70 -27.60
C4 OLB B . -9.30 -9.38 -27.86
C5 OLB B . -7.93 -9.20 -27.23
O19 OLB B . -11.56 -13.02 -27.53
O20 OLB B . -13.03 -12.22 -29.00
C21 OLB B . -13.78 -13.46 -28.98
C22 OLB B . -14.88 -13.41 -30.03
O23 OLB B . -14.28 -13.17 -31.30
C24 OLB B . -15.66 -14.71 -30.07
O25 OLB B . -16.65 -14.67 -31.09
C6 OLB B . -7.28 -7.91 -27.71
C7 OLB B . -5.84 -7.66 -27.30
C8 OLB B . -5.31 -6.42 -28.01
C9 OLB B . -3.90 -6.05 -27.68
C10 OLB B . -3.29 -5.00 -28.22
C11 OLB B . -1.92 -4.50 -27.85
C12 OLB B . -1.56 -3.20 -28.55
C13 OLB B . -1.22 -3.37 -30.01
C14 OLB B . -0.96 -2.05 -30.72
C15 OLB B . -0.28 -2.16 -32.07
C16 OLB B . -0.99 -3.00 -33.11
C17 OLB B . -0.26 -3.07 -34.42
C18 OLB B . -0.92 -3.93 -35.44
C1 OLB C . 0.93 10.42 -16.87
C2 OLB C . 0.49 10.62 -18.28
C3 OLB C . -0.83 11.36 -18.30
C4 OLB C . -1.67 11.02 -19.51
C5 OLB C . -3.15 11.04 -19.22
O19 OLB C . 0.42 10.95 -15.91
O20 OLB C . 1.94 9.55 -16.76
C21 OLB C . 2.29 9.13 -15.41
C22 OLB C . 3.30 10.08 -14.79
O23 OLB C . 3.42 9.81 -13.40
C24 OLB C . 4.67 9.90 -15.43
O25 OLB C . 5.16 8.57 -15.22
C6 OLB C . -4.03 10.51 -20.34
C7 OLB C . -5.39 10.05 -19.92
C8 OLB C . -6.15 9.39 -21.07
C9 OLB C . -7.25 8.49 -20.62
C10 OLB C . -7.93 7.69 -21.43
C11 OLB C . -8.88 6.62 -20.99
C12 OLB C . -10.27 6.79 -21.59
C13 OLB C . -11.22 5.70 -21.17
C14 OLB C . -12.60 5.89 -21.75
C15 OLB C . -13.22 7.22 -21.37
C16 OLB C . -14.51 7.55 -22.09
C17 OLB C . -15.11 8.87 -21.70
C18 OLB C . -15.51 8.95 -20.27
MG MG D . 23.92 8.42 -3.74
C1 PLM E . -14.08 -10.08 6.89
O1 PLM E . -15.12 -9.47 6.58
O2 PLM E . -13.38 -9.77 7.88
C2 PLM E . -13.82 -11.42 6.22
C3 PLM E . -15.07 -11.87 5.49
C4 PLM E . -14.70 -12.45 4.13
C5 PLM E . -15.93 -12.95 3.38
C6 PLM E . -15.58 -13.20 1.92
C7 PLM E . -16.72 -13.85 1.14
C8 PLM E . -16.64 -15.37 1.22
C9 PLM E . -17.62 -16.04 0.26
CA PLM E . -16.98 -16.29 -1.10
CB PLM E . -17.62 -17.51 -1.78
CC PLM E . -16.83 -17.93 -3.01
CD PLM E . -15.40 -18.32 -2.64
CE PLM E . -14.61 -18.77 -3.87
CF PLM E . -13.15 -19.03 -3.52
CG PLM E . -12.36 -19.44 -4.73
C1 PLM F . -2.49 11.02 -14.64
O1 PLM F . -2.38 10.40 -15.72
O2 PLM F . -1.60 11.03 -13.77
C2 PLM F . -3.87 11.52 -14.28
C3 PLM F . -4.82 11.24 -15.44
C4 PLM F . -6.27 11.43 -15.03
C5 PLM F . -7.21 11.17 -16.20
C6 PLM F . -8.65 11.02 -15.72
C7 PLM F . -9.56 12.10 -16.29
C8 PLM F . -10.59 11.50 -17.24
C9 PLM F . -10.14 11.63 -18.69
CA PLM F . -10.63 10.45 -19.53
CB PLM F . -12.14 10.43 -19.64
CC PLM F . -12.64 11.71 -20.31
CD PLM F . -13.85 12.25 -19.57
CE PLM F . -14.05 13.74 -19.87
CF PLM F . -15.30 14.28 -19.19
CG PLM F . -15.26 14.03 -17.69
CL CL G . 0.28 6.49 16.50
C18 OLC H . -18.73 10.49 1.87
C10 OLC H . -14.64 7.60 9.19
C9 OLC H . -13.69 7.78 10.10
C17 OLC H . -17.43 11.11 2.32
C11 OLC H . -15.13 8.68 8.25
C8 OLC H . -13.00 9.10 10.35
C24 OLC H . -1.17 10.34 13.71
C16 OLC H . -16.40 10.03 2.63
C12 OLC H . -15.59 8.03 6.96
C7 OLC H . -11.99 8.90 11.48
C15 OLC H . -16.84 9.16 3.80
C13 OLC H . -16.71 8.81 6.29
C6 OLC H . -10.62 8.55 10.88
C14 OLC H . -16.20 9.62 5.10
C5 OLC H . -9.67 7.87 11.86
C4 OLC H . -8.34 7.60 11.17
C3 OLC H . -7.40 6.75 12.00
C2 OLC H . -6.57 7.58 12.97
C21 OLC H . -2.87 8.75 12.76
C1 OLC H . -5.14 7.72 12.48
C22 OLC H . -1.94 9.05 13.94
O19 OLC H . -4.79 7.21 11.42
O25 OLC H . 0.10 10.06 13.10
O23 OLC H . -2.73 9.17 15.14
O20 OLC H . -4.17 8.46 13.26
C18 OLC I . -15.69 15.37 5.08
C10 OLC I . -10.75 8.86 3.38
C9 OLC I . -10.06 7.81 3.83
C17 OLC I . -14.91 14.98 3.84
C11 OLC I . -10.79 9.11 1.90
C8 OLC I . -9.98 7.49 5.31
C24 OLC I . -0.73 6.93 10.39
C16 OLC I . -14.62 13.48 3.85
C12 OLC I . -12.04 9.92 1.56
C7 OLC I . -9.18 6.21 5.44
C15 OLC I . -13.44 13.16 2.94
C13 OLC I . -11.93 11.33 2.12
C6 OLC I . -8.85 5.85 6.88
C14 OLC I . -13.14 11.66 2.97
C5 OLC I . -8.07 4.55 6.92
C4 OLC I . -7.20 4.46 8.17
C3 OLC I . -5.72 4.49 7.82
C2 OLC I . -4.93 4.95 9.04
C21 OLC I . -1.31 4.54 10.04
C1 OLC I . -3.45 4.86 8.79
C22 OLC I . -0.27 5.49 10.62
O19 OLC I . -3.01 4.45 7.72
O25 OLC I . 0.41 7.74 10.10
O23 OLC I . -0.10 5.25 12.02
O20 OLC I . -2.53 5.24 9.84
#